data_4H1Y
#
_entry.id   4H1Y
#
_cell.length_a   67.483
_cell.length_b   131.893
_cell.length_c   66.333
_cell.angle_alpha   90.00
_cell.angle_beta   90.00
_cell.angle_gamma   90.00
#
_symmetry.space_group_name_H-M   'P 21 21 2'
#
loop_
_entity.id
_entity.type
_entity.pdbx_description
1 polymer "5'-nucleotidase"
2 non-polymer 'ZINC ION'
3 non-polymer "2,2'-[(2-{[2-({[(2S,3S,4R,5R)-5-(2,4-dioxo-3,4-dihydropyrimidin-1(2H)-yl)-3,4-dihydroxytetrahydrofuran-2-yl]carbonyl}amino)ethyl]amino}-2-oxoethyl)imino]diacetic acid (non-preferred name)"
4 non-polymer GLYCEROL
5 non-polymer 'CHLORIDE ION'
6 non-polymer 'CALCIUM ION'
7 water water
#
_entity_poly.entity_id   1
_entity_poly.type   'polypeptide(L)'
_entity_poly.pdbx_seq_one_letter_code
;MAHHHHHHVGTGSNDDDDKSPDPWELTILHTNDVHSRLEQTSEDSSKCVDASRCMGGVARLFTKVQQIRRAEPNVLLLDA
GDQYQGTIWFTVYKGAEVAHFMNALRYDAMALGNHEFDNGVEGLIEPLLKEAKFPILSANISASGPLASQISGLYLPYKV
LPVGDEVVGIVGYTSKETPFLSNPGTNLVFEDEITALQPEVDKLKTLNVNKIIALGHSGFEMDKLIAQKVRGVDVVVGGH
SNTFLYTGNPPSKEVPAGKYPFIVTSDDGRKVPVVQAYAFGKYLGYLKIEFDERGNVISSHGNPILLDSSIPEDPSIKAD
INKWRIKLDDYSTQELGKTIVYLDGSSQSCRFRECNMGNLICDAMINNNLRHADEMFWNHVSMCILNGGGIRSPIDERND
GTITWENLAAVLPFGGTFDLVQLKGSTLKKAFEHSVHRYGQSTGEFLQVGGIHVVYDLSRKPGDRVVKLDVLCTSCRVPS
YDPLKMDEVYKVILPNFLANGGDGFQMIKDELLRHDSGDQDINVVSTYISKMKVIYPAVEGRIKFS
;
_entity_poly.pdbx_strand_id   P
#
loop_
_chem_comp.id
_chem_comp.type
_chem_comp.name
_chem_comp.formula
0YQ non-polymer '2,2'-[(2-{[2-({[(2S,3S,4R,5R)-5-(2,4-dioxo-3,4-dihydropyrimidin-1(2H)-yl)-3,4-dihydroxytetrahydrofuran-2-yl]carbonyl}amino)ethyl]amino}-2-oxoethyl)imino]diacetic acid (non-preferred name)' 'C17 H23 N5 O11'
CA non-polymer 'CALCIUM ION' 'Ca 2'
CL non-polymer 'CHLORIDE ION' 'Cl -1'
GOL non-polymer GLYCEROL 'C3 H8 O3'
ZN non-polymer 'ZINC ION' 'Zn 2'
#
# COMPACT_ATOMS: atom_id res chain seq x y z
N PRO A 23 19.19 4.93 33.31
CA PRO A 23 18.42 5.28 32.11
C PRO A 23 17.00 4.69 32.19
N TRP A 24 16.06 5.26 31.46
CA TRP A 24 14.68 4.71 31.38
C TRP A 24 14.62 4.10 29.97
N GLU A 25 14.29 2.80 29.89
CA GLU A 25 14.40 2.01 28.63
C GLU A 25 13.01 1.73 28.07
N LEU A 26 12.83 2.07 26.81
CA LEU A 26 11.50 1.86 26.17
C LEU A 26 11.72 0.92 25.00
N THR A 27 10.82 -0.04 24.85
CA THR A 27 10.83 -0.99 23.74
C THR A 27 9.69 -0.59 22.81
N ILE A 28 10.02 -0.19 21.60
CA ILE A 28 8.99 0.16 20.63
C ILE A 28 8.85 -1.00 19.68
N LEU A 29 7.61 -1.57 19.65
CA LEU A 29 7.27 -2.60 18.68
C LEU A 29 6.44 -1.92 17.61
N HIS A 30 6.65 -2.25 16.33
CA HIS A 30 5.94 -1.48 15.31
C HIS A 30 5.70 -2.28 14.01
N THR A 31 4.52 -2.05 13.46
CA THR A 31 4.14 -2.58 12.15
C THR A 31 3.73 -1.41 11.22
N ASN A 32 3.76 -1.68 9.90
CA ASN A 32 3.29 -0.69 8.95
C ASN A 32 2.96 -1.43 7.64
N ASP A 33 2.02 -0.82 6.91
CA ASP A 33 1.60 -1.40 5.62
C ASP A 33 1.29 -2.89 5.67
N VAL A 34 0.54 -3.28 6.73
CA VAL A 34 0.11 -4.70 6.91
C VAL A 34 -0.82 -5.12 5.76
N HIS A 35 -1.58 -4.15 5.25
CA HIS A 35 -2.34 -4.42 4.01
C HIS A 35 -3.15 -5.72 4.01
N SER A 36 -3.91 -5.87 5.10
CA SER A 36 -4.98 -6.89 5.14
CA SER A 36 -4.96 -6.92 5.16
C SER A 36 -4.40 -8.33 5.21
N ARG A 37 -3.14 -8.48 5.61
CA ARG A 37 -2.52 -9.80 5.71
C ARG A 37 -2.89 -10.37 7.11
N LEU A 38 -4.19 -10.60 7.33
CA LEU A 38 -4.73 -11.07 8.66
C LEU A 38 -4.26 -12.52 8.84
N GLU A 39 -4.23 -13.29 7.75
CA GLU A 39 -3.69 -14.63 7.75
C GLU A 39 -2.22 -14.74 7.48
N GLN A 40 -1.57 -15.85 7.94
CA GLN A 40 -0.18 -16.05 7.59
C GLN A 40 -0.07 -16.20 6.04
N THR A 41 1.10 -15.85 5.51
CA THR A 41 1.28 -15.74 4.05
C THR A 41 2.48 -16.65 3.65
N SER A 42 2.70 -16.77 2.34
CA SER A 42 3.97 -17.30 1.92
C SER A 42 5.12 -16.34 2.21
N GLU A 43 6.34 -16.78 1.91
CA GLU A 43 7.56 -15.98 2.07
C GLU A 43 7.47 -14.64 1.30
N ASP A 44 6.73 -14.65 0.20
CA ASP A 44 6.59 -13.48 -0.67
C ASP A 44 5.31 -12.68 -0.41
N SER A 45 4.66 -12.99 0.73
CA SER A 45 3.43 -12.34 1.18
C SER A 45 2.18 -12.63 0.41
N SER A 46 2.23 -13.62 -0.51
CA SER A 46 0.99 -14.02 -1.20
C SER A 46 0.37 -15.18 -0.40
N LYS A 47 -0.62 -15.84 -0.97
CA LYS A 47 -1.32 -16.92 -0.24
C LYS A 47 -0.41 -17.99 0.36
N CYS A 48 -0.68 -18.38 1.61
CA CYS A 48 0.03 -19.49 2.23
C CYS A 48 -0.35 -20.81 1.53
N VAL A 49 0.66 -21.49 1.01
CA VAL A 49 0.45 -22.79 0.36
C VAL A 49 1.08 -23.88 1.23
N ASP A 50 2.35 -23.73 1.58
CA ASP A 50 3.06 -24.70 2.41
C ASP A 50 3.10 -24.20 3.85
N ALA A 51 2.03 -24.51 4.60
CA ALA A 51 1.78 -24.00 5.96
C ALA A 51 3.01 -24.01 6.90
N SER A 52 3.79 -25.07 6.83
CA SER A 52 5.00 -25.19 7.65
C SER A 52 6.18 -24.27 7.30
N ARG A 53 6.08 -23.48 6.23
CA ARG A 53 7.05 -22.46 5.96
C ARG A 53 6.38 -21.07 5.77
N CYS A 54 5.15 -20.95 6.27
CA CYS A 54 4.40 -19.69 6.13
C CYS A 54 4.84 -18.68 7.21
N MET A 55 4.49 -17.42 7.00
CA MET A 55 4.99 -16.34 7.85
C MET A 55 3.94 -15.28 8.16
N GLY A 56 4.22 -14.46 9.20
CA GLY A 56 3.32 -13.37 9.48
C GLY A 56 1.91 -13.83 9.91
N GLY A 57 0.90 -12.98 9.69
CA GLY A 57 -0.49 -13.14 10.15
C GLY A 57 -0.59 -12.64 11.58
N VAL A 58 -1.79 -12.32 11.98
CA VAL A 58 -2.00 -11.68 13.29
CA VAL A 58 -2.01 -11.68 13.26
C VAL A 58 -1.88 -12.71 14.40
N ALA A 59 -2.23 -13.99 14.10
CA ALA A 59 -2.06 -14.98 15.23
C ALA A 59 -0.62 -15.13 15.69
N ARG A 60 0.33 -15.20 14.72
CA ARG A 60 1.75 -15.32 15.03
C ARG A 60 2.27 -14.01 15.67
N LEU A 61 1.84 -12.87 15.12
CA LEU A 61 2.18 -11.56 15.71
C LEU A 61 1.76 -11.52 17.19
N PHE A 62 0.55 -12.00 17.51
CA PHE A 62 0.09 -12.03 18.89
C PHE A 62 1.10 -12.82 19.78
N THR A 63 1.52 -14.01 19.34
CA THR A 63 2.49 -14.78 20.12
C THR A 63 3.75 -14.00 20.45
N LYS A 64 4.30 -13.34 19.42
CA LYS A 64 5.59 -12.66 19.64
C LYS A 64 5.43 -11.40 20.51
N VAL A 65 4.35 -10.62 20.32
CA VAL A 65 4.13 -9.40 21.13
C VAL A 65 3.92 -9.85 22.62
N GLN A 66 3.16 -10.93 22.81
CA GLN A 66 2.89 -11.38 24.20
C GLN A 66 4.20 -11.82 24.85
N GLN A 67 5.04 -12.53 24.11
CA GLN A 67 6.39 -12.93 24.66
CA GLN A 67 6.37 -12.93 24.64
C GLN A 67 7.18 -11.70 25.05
N ILE A 68 7.19 -10.67 24.18
CA ILE A 68 8.02 -9.45 24.50
C ILE A 68 7.47 -8.67 25.68
N ARG A 69 6.14 -8.58 25.76
CA ARG A 69 5.53 -7.92 26.90
CA ARG A 69 5.51 -7.95 26.89
C ARG A 69 5.78 -8.68 28.23
N ARG A 70 6.05 -9.99 28.16
CA ARG A 70 6.41 -10.71 29.43
C ARG A 70 7.77 -10.24 29.89
N ALA A 71 8.66 -9.96 28.96
CA ALA A 71 10.11 -9.75 29.22
C ALA A 71 10.49 -8.28 29.46
N GLU A 72 9.77 -7.35 28.86
CA GLU A 72 10.19 -5.93 28.92
C GLU A 72 9.18 -5.06 29.59
N PRO A 73 9.60 -4.27 30.59
CA PRO A 73 8.57 -3.56 31.36
C PRO A 73 7.83 -2.41 30.63
N ASN A 74 8.54 -1.68 29.77
CA ASN A 74 7.99 -0.50 29.11
C ASN A 74 7.93 -0.77 27.60
N VAL A 75 6.71 -1.08 27.11
CA VAL A 75 6.51 -1.47 25.72
C VAL A 75 5.40 -0.65 25.13
N LEU A 76 5.64 -0.14 23.90
CA LEU A 76 4.56 0.41 23.10
C LEU A 76 4.48 -0.39 21.82
N LEU A 77 3.24 -0.68 21.41
CA LEU A 77 3.04 -1.38 20.12
C LEU A 77 2.32 -0.37 19.21
N LEU A 78 2.95 0.00 18.10
CA LEU A 78 2.49 1.15 17.26
C LEU A 78 2.25 0.61 15.85
N ASP A 79 1.30 1.18 15.15
CA ASP A 79 1.10 0.91 13.68
C ASP A 79 1.20 2.22 12.94
N ALA A 80 2.06 2.24 11.89
CA ALA A 80 2.21 3.46 11.08
C ALA A 80 1.31 3.56 9.83
N GLY A 81 0.20 2.87 9.83
CA GLY A 81 -0.90 3.01 8.88
C GLY A 81 -0.85 2.00 7.73
N ASP A 82 -1.91 2.09 6.91
CA ASP A 82 -2.13 1.18 5.78
C ASP A 82 -2.36 -0.31 6.24
N GLN A 83 -3.19 -0.43 7.28
CA GLN A 83 -3.85 -1.71 7.56
C GLN A 83 -4.96 -2.02 6.51
N TYR A 84 -5.66 -0.99 6.07
CA TYR A 84 -6.66 -1.14 5.02
C TYR A 84 -6.02 -1.60 3.68
N GLN A 85 -6.81 -2.40 2.96
CA GLN A 85 -6.59 -2.74 1.51
C GLN A 85 -5.55 -3.85 1.35
N GLY A 86 -5.92 -4.94 0.66
CA GLY A 86 -4.87 -5.89 0.29
C GLY A 86 -5.39 -7.32 0.02
N THR A 87 -6.42 -7.73 0.74
CA THR A 87 -6.95 -9.10 0.56
C THR A 87 -8.51 -9.01 0.67
N ILE A 88 -9.10 -10.19 0.36
CA ILE A 88 -10.55 -10.38 0.52
C ILE A 88 -11.10 -10.07 1.94
N TRP A 89 -10.19 -10.13 2.93
CA TRP A 89 -10.62 -9.69 4.25
C TRP A 89 -11.17 -8.26 4.24
N PHE A 90 -10.42 -7.34 3.62
CA PHE A 90 -10.84 -5.98 3.50
C PHE A 90 -12.06 -5.78 2.59
N THR A 91 -12.07 -6.49 1.48
CA THR A 91 -13.26 -6.46 0.61
C THR A 91 -14.56 -6.72 1.36
N VAL A 92 -14.53 -7.82 2.16
CA VAL A 92 -15.75 -8.27 2.89
C VAL A 92 -16.01 -7.50 4.20
N TYR A 93 -14.95 -7.32 5.01
CA TYR A 93 -15.20 -6.72 6.30
C TYR A 93 -14.96 -5.21 6.40
N LYS A 94 -14.26 -4.68 5.39
CA LYS A 94 -14.25 -3.21 5.20
C LYS A 94 -13.68 -2.41 6.39
N GLY A 95 -12.74 -3.03 7.13
CA GLY A 95 -12.07 -2.34 8.22
C GLY A 95 -12.53 -2.89 9.57
N ALA A 96 -13.69 -3.55 9.64
CA ALA A 96 -14.11 -4.12 10.95
C ALA A 96 -13.10 -5.17 11.44
N GLU A 97 -12.43 -5.88 10.52
CA GLU A 97 -11.41 -6.87 10.85
C GLU A 97 -10.17 -6.17 11.41
N VAL A 98 -9.90 -4.96 10.90
CA VAL A 98 -8.75 -4.20 11.42
C VAL A 98 -9.01 -3.78 12.86
N ALA A 99 -10.17 -3.17 13.12
CA ALA A 99 -10.51 -2.78 14.51
C ALA A 99 -10.48 -4.02 15.40
N HIS A 100 -11.10 -5.10 14.95
CA HIS A 100 -11.21 -6.24 15.85
C HIS A 100 -9.86 -6.85 16.21
N PHE A 101 -9.00 -7.07 15.20
CA PHE A 101 -7.76 -7.78 15.46
C PHE A 101 -6.72 -6.87 16.01
N MET A 102 -6.76 -5.59 15.64
CA MET A 102 -5.78 -4.63 16.28
C MET A 102 -6.17 -4.47 17.75
N ASN A 103 -7.46 -4.54 18.02
CA ASN A 103 -7.91 -4.44 19.45
C ASN A 103 -7.48 -5.66 20.22
N ALA A 104 -7.53 -6.83 19.60
CA ALA A 104 -7.13 -8.08 20.25
C ALA A 104 -5.63 -8.09 20.55
N LEU A 105 -4.84 -7.45 19.67
CA LEU A 105 -3.37 -7.35 19.92
C LEU A 105 -3.05 -6.21 20.91
N ARG A 106 -4.05 -5.39 21.30
CA ARG A 106 -3.88 -4.23 22.18
C ARG A 106 -2.77 -3.29 21.64
N TYR A 107 -2.88 -2.94 20.36
CA TYR A 107 -2.09 -1.77 19.86
C TYR A 107 -2.29 -0.53 20.81
N ASP A 108 -1.20 0.23 20.99
CA ASP A 108 -1.20 1.51 21.74
C ASP A 108 -1.61 2.73 20.92
N ALA A 109 -1.29 2.78 19.62
CA ALA A 109 -1.67 3.93 18.80
C ALA A 109 -1.42 3.50 17.33
N MET A 110 -2.14 4.20 16.46
CA MET A 110 -1.97 3.95 14.99
C MET A 110 -1.98 5.30 14.32
N ALA A 111 -1.18 5.51 13.26
CA ALA A 111 -1.27 6.71 12.43
C ALA A 111 -2.10 6.36 11.20
N LEU A 112 -2.81 7.35 10.69
CA LEU A 112 -3.62 7.14 9.45
C LEU A 112 -2.67 7.02 8.23
N GLY A 113 -2.91 5.99 7.42
CA GLY A 113 -2.17 5.89 6.12
C GLY A 113 -3.10 6.30 4.95
N ASN A 114 -2.52 6.35 3.74
CA ASN A 114 -3.37 6.72 2.61
C ASN A 114 -4.50 5.73 2.35
N HIS A 115 -4.23 4.42 2.50
CA HIS A 115 -5.28 3.45 2.22
C HIS A 115 -6.42 3.42 3.20
N GLU A 116 -6.22 4.05 4.37
CA GLU A 116 -7.36 4.21 5.29
C GLU A 116 -8.48 5.08 4.71
N PHE A 117 -8.22 5.78 3.59
CA PHE A 117 -9.27 6.58 2.92
C PHE A 117 -9.83 5.88 1.67
N ASP A 118 -9.53 4.58 1.50
CA ASP A 118 -9.96 3.93 0.24
C ASP A 118 -11.48 3.89 0.11
N ASN A 119 -12.19 3.76 1.23
CA ASN A 119 -13.66 3.76 1.21
C ASN A 119 -14.26 5.10 1.64
N GLY A 120 -13.52 6.20 1.43
CA GLY A 120 -13.98 7.55 1.73
C GLY A 120 -13.85 7.81 3.22
N VAL A 121 -14.13 9.04 3.61
CA VAL A 121 -14.13 9.38 5.03
CA VAL A 121 -14.05 9.32 5.01
C VAL A 121 -15.13 8.51 5.79
N GLU A 122 -16.28 8.24 5.16
CA GLU A 122 -17.33 7.47 5.87
C GLU A 122 -16.84 6.06 6.18
N GLY A 123 -16.02 5.49 5.28
CA GLY A 123 -15.50 4.09 5.45
C GLY A 123 -14.32 4.01 6.41
N LEU A 124 -13.90 5.18 6.90
CA LEU A 124 -12.84 5.26 7.94
C LEU A 124 -13.51 5.54 9.29
N ILE A 125 -14.45 6.51 9.33
CA ILE A 125 -15.15 6.77 10.61
C ILE A 125 -15.84 5.52 11.14
N GLU A 126 -16.51 4.76 10.27
N GLU A 126 -16.62 4.89 10.25
CA GLU A 126 -17.45 3.73 10.74
CA GLU A 126 -17.27 3.69 10.56
C GLU A 126 -16.80 2.45 11.30
C GLU A 126 -16.74 2.63 9.66
N PRO A 127 -16.03 1.70 10.47
N PRO A 127 -15.78 1.87 10.21
CA PRO A 127 -15.46 0.49 10.91
CA PRO A 127 -15.91 1.09 11.43
C PRO A 127 -14.30 0.74 11.81
C PRO A 127 -14.66 1.47 12.25
N LEU A 128 -13.57 1.86 11.61
CA LEU A 128 -12.27 1.99 12.32
C LEU A 128 -12.28 3.03 13.45
N LEU A 129 -12.58 4.31 13.12
CA LEU A 129 -12.45 5.33 14.18
C LEU A 129 -13.39 5.09 15.38
N LYS A 130 -14.57 4.59 15.06
CA LYS A 130 -15.57 4.39 16.15
C LYS A 130 -15.34 3.10 16.91
N GLU A 131 -14.60 2.16 16.35
CA GLU A 131 -14.45 0.85 17.00
C GLU A 131 -13.05 0.61 17.59
N ALA A 132 -12.02 1.34 17.17
CA ALA A 132 -10.72 1.09 17.73
C ALA A 132 -10.68 1.48 19.20
N LYS A 133 -10.01 0.65 20.02
CA LYS A 133 -9.82 0.99 21.44
C LYS A 133 -8.56 1.77 21.74
N PHE A 134 -7.82 2.17 20.71
CA PHE A 134 -6.59 2.93 20.84
C PHE A 134 -6.72 4.18 20.00
N PRO A 135 -5.91 5.21 20.32
CA PRO A 135 -5.94 6.48 19.55
C PRO A 135 -5.45 6.35 18.11
N ILE A 136 -6.14 7.00 17.22
CA ILE A 136 -5.73 7.00 15.79
C ILE A 136 -5.34 8.46 15.48
N LEU A 137 -4.14 8.63 14.90
CA LEU A 137 -3.45 9.92 14.91
C LEU A 137 -3.11 10.45 13.51
N SER A 138 -3.31 11.75 13.32
CA SER A 138 -2.68 12.46 12.19
C SER A 138 -2.76 13.96 12.49
N ALA A 139 -1.62 14.63 12.61
CA ALA A 139 -1.60 16.07 12.90
C ALA A 139 -1.73 16.97 11.68
N ASN A 140 -1.69 16.40 10.47
CA ASN A 140 -1.64 17.26 9.26
C ASN A 140 -2.88 17.08 8.40
N ILE A 141 -3.97 16.56 8.95
CA ILE A 141 -5.23 16.45 8.22
C ILE A 141 -6.24 17.35 8.89
N SER A 142 -6.78 18.31 8.14
CA SER A 142 -7.84 19.20 8.68
C SER A 142 -9.14 19.02 7.91
N ALA A 143 -10.28 19.26 8.57
CA ALA A 143 -11.60 19.11 7.97
C ALA A 143 -12.33 20.47 8.04
N SER A 144 -13.29 20.66 7.16
CA SER A 144 -14.09 21.87 7.22
C SER A 144 -15.56 21.53 6.94
N GLY A 145 -16.42 22.53 7.12
CA GLY A 145 -17.85 22.29 6.97
C GLY A 145 -18.44 21.35 8.01
N PRO A 146 -19.64 20.81 7.74
CA PRO A 146 -20.23 19.83 8.65
C PRO A 146 -19.32 18.65 8.93
N LEU A 147 -18.45 18.26 7.98
CA LEU A 147 -17.53 17.12 8.28
C LEU A 147 -16.69 17.43 9.53
N ALA A 148 -16.23 18.68 9.67
CA ALA A 148 -15.36 18.96 10.83
C ALA A 148 -16.07 18.61 12.15
N SER A 149 -17.35 18.98 12.27
CA SER A 149 -18.02 18.60 13.51
C SER A 149 -18.27 17.10 13.64
N GLN A 150 -18.56 16.43 12.50
CA GLN A 150 -18.82 15.02 12.53
C GLN A 150 -17.59 14.20 13.02
N ILE A 151 -16.38 14.63 12.61
CA ILE A 151 -15.21 13.83 12.81
C ILE A 151 -14.37 14.32 14.00
N SER A 152 -14.75 15.47 14.57
CA SER A 152 -13.90 16.10 15.61
C SER A 152 -13.58 15.11 16.73
N GLY A 153 -12.28 15.02 17.02
CA GLY A 153 -11.80 14.11 18.11
C GLY A 153 -11.78 12.61 17.80
N LEU A 154 -12.29 12.18 16.65
CA LEU A 154 -12.26 10.77 16.26
C LEU A 154 -10.87 10.29 15.76
N TYR A 155 -10.12 11.25 15.24
CA TYR A 155 -8.64 11.08 15.13
C TYR A 155 -8.06 12.35 15.82
N LEU A 156 -6.80 12.23 16.23
CA LEU A 156 -6.17 13.28 17.05
C LEU A 156 -4.80 13.65 16.47
N PRO A 157 -4.32 14.88 16.71
CA PRO A 157 -2.98 15.20 16.20
C PRO A 157 -1.92 14.37 16.94
N TYR A 158 -2.15 14.06 18.23
CA TYR A 158 -1.20 13.35 19.05
C TYR A 158 -1.95 12.77 20.21
N LYS A 159 -1.30 11.86 20.91
CA LYS A 159 -1.79 11.36 22.25
C LYS A 159 -0.60 11.23 23.20
N VAL A 160 -0.79 11.65 24.45
CA VAL A 160 0.19 11.38 25.50
C VAL A 160 -0.19 10.12 26.23
N LEU A 161 0.72 9.13 26.19
CA LEU A 161 0.44 7.83 26.82
C LEU A 161 1.26 7.56 28.04
N PRO A 162 0.65 7.10 29.13
CA PRO A 162 1.47 6.68 30.28
C PRO A 162 2.17 5.35 29.96
N VAL A 163 3.44 5.25 30.30
CA VAL A 163 4.22 4.04 30.13
C VAL A 163 5.00 3.90 31.42
N GLY A 164 4.71 2.82 32.17
CA GLY A 164 5.22 2.76 33.57
C GLY A 164 4.96 4.04 34.34
N ASP A 165 5.97 4.63 34.98
CA ASP A 165 5.77 5.91 35.71
C ASP A 165 6.10 7.13 34.85
N GLU A 166 6.25 6.94 33.53
CA GLU A 166 6.59 8.04 32.63
C GLU A 166 5.41 8.31 31.64
N VAL A 167 5.58 9.33 30.82
CA VAL A 167 4.62 9.56 29.74
C VAL A 167 5.46 9.63 28.46
N VAL A 168 4.81 9.27 27.34
CA VAL A 168 5.46 9.45 26.03
C VAL A 168 4.44 10.11 25.11
N GLY A 169 4.85 11.15 24.37
CA GLY A 169 3.96 11.78 23.38
C GLY A 169 4.12 11.09 22.04
N ILE A 170 2.99 10.75 21.42
CA ILE A 170 3.05 10.24 20.03
CA ILE A 170 2.99 10.15 20.04
C ILE A 170 2.30 11.16 19.11
N VAL A 171 2.99 11.62 18.04
N VAL A 171 2.98 11.69 18.09
CA VAL A 171 2.46 12.65 17.11
CA VAL A 171 2.35 12.67 17.20
C VAL A 171 2.34 12.03 15.72
C VAL A 171 2.28 11.95 15.86
N GLY A 172 1.13 12.06 15.15
CA GLY A 172 0.90 11.37 13.87
C GLY A 172 1.07 12.26 12.65
N TYR A 173 1.20 11.59 11.48
CA TYR A 173 1.19 12.34 10.21
C TYR A 173 0.85 11.37 9.08
N THR A 174 0.33 11.93 7.97
CA THR A 174 -0.15 11.16 6.83
C THR A 174 0.30 11.78 5.54
N SER A 175 0.65 10.96 4.56
CA SER A 175 1.09 11.51 3.26
C SER A 175 0.25 12.65 2.69
N LYS A 176 0.95 13.72 2.34
CA LYS A 176 0.33 14.84 1.65
C LYS A 176 -0.24 14.45 0.27
N GLU A 177 0.22 13.31 -0.26
CA GLU A 177 -0.20 12.88 -1.58
C GLU A 177 -1.48 12.02 -1.50
N THR A 178 -2.00 11.79 -0.30
CA THR A 178 -3.20 10.97 -0.17
C THR A 178 -4.37 11.26 -1.20
N PRO A 179 -4.70 12.53 -1.53
CA PRO A 179 -5.75 12.79 -2.54
C PRO A 179 -5.49 12.12 -3.89
N PHE A 180 -4.23 11.80 -4.21
CA PHE A 180 -3.91 11.19 -5.53
C PHE A 180 -3.83 9.66 -5.40
N LEU A 181 -3.83 9.19 -4.15
CA LEU A 181 -3.59 7.75 -3.87
C LEU A 181 -4.81 6.99 -3.31
N SER A 182 -5.85 7.71 -2.92
CA SER A 182 -6.97 7.20 -2.20
C SER A 182 -8.19 8.12 -2.47
N ASN A 183 -9.25 7.97 -1.66
CA ASN A 183 -10.53 8.63 -1.90
C ASN A 183 -10.97 9.47 -0.69
N PRO A 184 -10.10 10.42 -0.21
CA PRO A 184 -10.45 11.17 1.00
C PRO A 184 -11.58 12.17 0.84
N GLY A 185 -12.02 12.45 -0.39
CA GLY A 185 -13.10 13.44 -0.53
C GLY A 185 -12.58 14.83 -0.67
N THR A 186 -13.46 15.84 -0.75
CA THR A 186 -12.92 17.18 -0.99
C THR A 186 -13.06 18.09 0.23
N ASN A 187 -13.44 17.56 1.35
N ASN A 187 -13.49 17.51 1.37
CA ASN A 187 -13.44 18.43 2.46
CA ASN A 187 -13.67 18.20 2.71
C ASN A 187 -12.04 18.45 3.04
C ASN A 187 -12.52 17.93 3.71
N LEU A 188 -11.50 17.25 3.23
CA LEU A 188 -10.24 17.11 3.99
C LEU A 188 -9.09 17.75 3.29
N VAL A 189 -8.20 18.38 4.06
CA VAL A 189 -6.98 18.99 3.52
C VAL A 189 -5.75 18.33 4.15
N PHE A 190 -4.80 17.91 3.32
CA PHE A 190 -3.55 17.28 3.79
C PHE A 190 -2.45 18.34 3.72
N GLU A 191 -2.02 18.79 4.87
CA GLU A 191 -1.03 19.85 5.04
CA GLU A 191 -1.02 19.85 4.97
C GLU A 191 0.36 19.28 4.92
N ASP A 192 1.34 20.13 4.61
CA ASP A 192 2.74 19.75 4.73
C ASP A 192 3.04 19.19 6.14
N GLU A 193 3.68 18.04 6.18
CA GLU A 193 3.93 17.35 7.45
C GLU A 193 4.77 18.13 8.43
N ILE A 194 5.93 18.62 7.97
CA ILE A 194 6.82 19.31 8.90
C ILE A 194 6.15 20.62 9.49
N THR A 195 5.45 21.34 8.62
CA THR A 195 4.67 22.54 9.02
C THR A 195 3.66 22.24 10.10
N ALA A 196 2.92 21.15 9.91
CA ALA A 196 1.88 20.79 10.87
C ALA A 196 2.46 20.19 12.16
N LEU A 197 3.57 19.44 12.04
CA LEU A 197 4.07 18.70 13.18
C LEU A 197 4.77 19.64 14.19
N GLN A 198 5.48 20.69 13.69
CA GLN A 198 6.37 21.40 14.61
C GLN A 198 5.59 22.04 15.78
N PRO A 199 4.47 22.69 15.46
CA PRO A 199 3.80 23.35 16.61
C PRO A 199 3.21 22.36 17.60
N GLU A 200 2.84 21.16 17.16
CA GLU A 200 2.29 20.19 18.10
C GLU A 200 3.44 19.66 19.00
N VAL A 201 4.62 19.43 18.41
CA VAL A 201 5.76 18.98 19.21
C VAL A 201 6.20 20.11 20.21
N ASP A 202 6.27 21.35 19.73
CA ASP A 202 6.53 22.54 20.64
C ASP A 202 5.46 22.50 21.78
N LYS A 203 4.17 22.30 21.45
CA LYS A 203 3.13 22.33 22.47
C LYS A 203 3.36 21.22 23.51
N LEU A 204 3.76 20.01 23.07
CA LEU A 204 4.01 18.92 24.03
C LEU A 204 5.14 19.30 25.00
N LYS A 205 6.16 20.01 24.49
CA LYS A 205 7.26 20.42 25.35
CA LYS A 205 7.28 20.56 25.29
C LYS A 205 6.76 21.35 26.47
N THR A 206 5.86 22.26 26.15
CA THR A 206 5.27 23.16 27.18
C THR A 206 4.45 22.40 28.22
N LEU A 207 4.06 21.16 27.89
CA LEU A 207 3.22 20.34 28.76
C LEU A 207 4.04 19.31 29.53
N ASN A 208 5.36 19.48 29.50
CA ASN A 208 6.26 18.68 30.29
C ASN A 208 6.35 17.25 29.73
N VAL A 209 6.23 17.12 28.41
CA VAL A 209 6.36 15.83 27.75
C VAL A 209 7.67 15.88 26.99
N ASN A 210 8.66 15.14 27.52
CA ASN A 210 10.02 15.24 27.01
C ASN A 210 10.49 14.05 26.13
N LYS A 211 9.57 13.10 25.93
CA LYS A 211 9.87 11.90 25.10
C LYS A 211 8.78 11.85 24.04
N ILE A 212 9.21 12.03 22.79
CA ILE A 212 8.28 12.23 21.71
C ILE A 212 8.64 11.30 20.55
N ILE A 213 7.61 10.54 20.12
CA ILE A 213 7.69 9.67 18.91
C ILE A 213 6.86 10.23 17.81
N ALA A 214 7.44 10.45 16.64
CA ALA A 214 6.64 10.82 15.47
C ALA A 214 6.30 9.50 14.78
N LEU A 215 4.98 9.27 14.59
CA LEU A 215 4.49 7.96 14.04
C LEU A 215 3.68 8.37 12.84
N GLY A 216 4.07 7.93 11.61
CA GLY A 216 3.28 8.42 10.50
C GLY A 216 3.58 7.73 9.18
N HIS A 217 2.91 8.22 8.17
CA HIS A 217 2.71 7.48 6.91
C HIS A 217 2.96 8.34 5.64
N SER A 218 4.25 8.66 5.44
CA SER A 218 4.66 9.50 4.31
C SER A 218 5.82 8.95 3.58
N GLY A 219 6.44 7.87 4.06
CA GLY A 219 7.57 7.27 3.32
C GLY A 219 8.92 7.64 3.93
N PHE A 220 9.89 6.74 3.76
CA PHE A 220 11.21 6.86 4.35
C PHE A 220 11.89 8.22 4.03
N GLU A 221 11.76 8.72 2.79
CA GLU A 221 12.41 10.02 2.53
C GLU A 221 11.84 11.16 3.39
N MET A 222 10.51 11.20 3.48
CA MET A 222 9.90 12.22 4.36
C MET A 222 10.19 11.94 5.82
N ASP A 223 10.23 10.65 6.23
CA ASP A 223 10.63 10.32 7.58
C ASP A 223 12.00 10.91 8.00
N LYS A 224 12.99 10.76 7.08
CA LYS A 224 14.29 11.34 7.36
C LYS A 224 14.26 12.91 7.47
N LEU A 225 13.41 13.53 6.66
CA LEU A 225 13.26 15.03 6.72
C LEU A 225 12.64 15.43 8.06
N ILE A 226 11.61 14.72 8.51
CA ILE A 226 11.02 14.98 9.83
C ILE A 226 12.03 14.81 10.92
N ALA A 227 12.80 13.72 10.87
CA ALA A 227 13.87 13.55 11.86
C ALA A 227 14.91 14.68 11.92
N GLN A 228 15.18 15.19 10.75
CA GLN A 228 16.19 16.26 10.61
C GLN A 228 15.64 17.63 11.05
N LYS A 229 14.36 17.88 10.75
CA LYS A 229 13.84 19.26 10.83
C LYS A 229 12.85 19.50 11.95
N VAL A 230 12.14 18.47 12.43
CA VAL A 230 11.15 18.73 13.46
C VAL A 230 11.81 18.67 14.86
N ARG A 231 12.05 19.84 15.43
CA ARG A 231 12.87 19.94 16.64
CA ARG A 231 12.86 19.92 16.64
C ARG A 231 12.12 19.28 17.78
N GLY A 232 12.81 18.42 18.52
CA GLY A 232 12.23 17.76 19.67
C GLY A 232 11.66 16.37 19.40
N VAL A 233 11.59 15.97 18.14
CA VAL A 233 11.27 14.54 17.86
C VAL A 233 12.42 13.63 18.27
N ASP A 234 12.15 12.60 19.09
CA ASP A 234 13.24 11.71 19.54
C ASP A 234 13.44 10.47 18.66
N VAL A 235 12.34 10.00 18.02
CA VAL A 235 12.32 8.79 17.21
CA VAL A 235 12.40 8.84 17.12
C VAL A 235 11.27 8.96 16.13
N VAL A 236 11.52 8.50 14.90
CA VAL A 236 10.51 8.51 13.82
C VAL A 236 10.21 7.04 13.47
N VAL A 237 8.91 6.71 13.52
CA VAL A 237 8.40 5.38 13.16
C VAL A 237 7.49 5.51 11.94
N GLY A 238 7.98 5.04 10.78
CA GLY A 238 7.33 5.31 9.51
C GLY A 238 6.79 4.12 8.74
N GLY A 239 6.41 4.44 7.50
CA GLY A 239 5.72 3.45 6.66
C GLY A 239 5.62 3.98 5.22
N HIS A 240 4.66 3.42 4.51
CA HIS A 240 4.20 3.82 3.15
C HIS A 240 5.11 3.33 2.02
N SER A 241 6.41 3.46 2.22
CA SER A 241 7.43 3.08 1.20
C SER A 241 7.86 1.60 1.31
N ASN A 242 7.28 0.89 2.27
CA ASN A 242 7.63 -0.54 2.47
C ASN A 242 9.11 -0.76 2.68
N THR A 243 9.73 0.14 3.40
CA THR A 243 11.18 0.20 3.56
C THR A 243 11.64 -0.87 4.49
N PHE A 244 12.57 -1.72 4.06
CA PHE A 244 13.20 -2.68 4.93
C PHE A 244 14.55 -2.16 5.37
N LEU A 245 14.75 -2.05 6.66
CA LEU A 245 16.03 -1.64 7.27
C LEU A 245 16.54 -2.78 8.16
N TYR A 246 17.86 -3.01 8.16
CA TYR A 246 18.39 -4.14 8.96
C TYR A 246 19.83 -3.87 9.32
N THR A 247 20.22 -4.25 10.54
CA THR A 247 21.62 -4.25 11.00
C THR A 247 22.12 -5.66 11.14
N GLY A 248 22.97 -6.01 10.20
CA GLY A 248 23.57 -7.31 10.18
C GLY A 248 23.18 -8.05 8.91
N ASN A 249 23.41 -9.37 8.97
CA ASN A 249 23.08 -10.16 7.88
C ASN A 249 21.54 -10.34 7.92
N PRO A 250 20.80 -10.08 6.83
CA PRO A 250 19.33 -10.15 6.79
C PRO A 250 18.77 -11.57 6.85
N PRO A 251 17.59 -11.73 7.43
CA PRO A 251 17.12 -13.09 7.72
C PRO A 251 16.29 -13.73 6.63
N SER A 252 15.93 -12.97 5.58
CA SER A 252 15.08 -13.50 4.54
C SER A 252 15.52 -12.87 3.17
N LYS A 253 14.57 -12.75 2.27
CA LYS A 253 14.83 -12.32 0.89
CA LYS A 253 14.89 -12.32 0.91
C LYS A 253 14.84 -10.80 0.72
N GLU A 254 14.28 -10.06 1.71
CA GLU A 254 14.28 -8.59 1.55
C GLU A 254 15.69 -8.03 1.69
N VAL A 255 16.02 -7.08 0.80
CA VAL A 255 17.33 -6.43 0.82
C VAL A 255 17.28 -5.10 1.56
N PRO A 256 18.11 -4.94 2.59
CA PRO A 256 18.01 -3.69 3.38
C PRO A 256 18.32 -2.42 2.57
N ALA A 257 17.54 -1.36 2.82
CA ALA A 257 17.89 -0.06 2.28
C ALA A 257 18.85 0.74 3.12
N GLY A 258 19.21 0.28 4.34
CA GLY A 258 20.04 0.98 5.27
C GLY A 258 20.01 0.20 6.58
N LYS A 259 20.77 0.66 7.57
CA LYS A 259 20.83 0.06 8.91
CA LYS A 259 20.83 0.02 8.90
C LYS A 259 19.50 0.32 9.64
N TYR A 260 19.19 -0.57 10.59
CA TYR A 260 18.10 -0.33 11.56
C TYR A 260 18.67 -0.09 12.93
N PRO A 261 18.36 1.08 13.57
CA PRO A 261 17.61 2.18 12.99
C PRO A 261 18.52 2.93 12.01
N PHE A 262 17.91 3.74 11.15
CA PHE A 262 18.70 4.65 10.30
C PHE A 262 18.86 5.96 11.09
N ILE A 263 20.13 6.41 11.32
CA ILE A 263 20.38 7.55 12.17
C ILE A 263 20.48 8.84 11.38
N VAL A 264 19.62 9.78 11.74
CA VAL A 264 19.63 11.13 11.15
C VAL A 264 20.25 12.08 12.14
N THR A 265 21.16 12.94 11.65
CA THR A 265 21.65 13.99 12.53
C THR A 265 20.74 15.21 12.33
N SER A 266 20.07 15.58 13.42
CA SER A 266 19.07 16.63 13.36
C SER A 266 19.72 18.03 13.30
N ASP A 267 18.97 18.98 12.74
CA ASP A 267 19.39 20.40 12.74
C ASP A 267 19.77 20.94 14.12
N ASP A 268 19.17 20.45 15.21
CA ASP A 268 19.67 20.83 16.54
C ASP A 268 20.82 19.97 17.15
N GLY A 269 21.45 19.12 16.33
CA GLY A 269 22.62 18.39 16.72
C GLY A 269 22.45 17.00 17.33
N ARG A 270 21.20 16.56 17.54
CA ARG A 270 20.88 15.25 18.08
C ARG A 270 20.92 14.13 17.04
N LYS A 271 21.05 12.90 17.52
CA LYS A 271 21.00 11.73 16.62
C LYS A 271 19.58 11.16 16.82
N VAL A 272 18.85 11.09 15.71
CA VAL A 272 17.43 10.71 15.76
C VAL A 272 17.24 9.44 14.93
N PRO A 273 16.85 8.34 15.62
CA PRO A 273 16.65 7.09 14.90
C PRO A 273 15.36 7.05 14.09
N VAL A 274 15.45 6.52 12.89
CA VAL A 274 14.30 6.38 12.01
C VAL A 274 14.12 4.92 11.68
N VAL A 275 12.90 4.41 11.94
CA VAL A 275 12.61 2.98 11.64
C VAL A 275 11.39 2.77 10.76
N GLN A 276 11.36 1.62 10.10
CA GLN A 276 10.24 1.10 9.30
C GLN A 276 10.42 -0.43 9.35
N ALA A 277 9.34 -1.17 8.97
CA ALA A 277 9.43 -2.61 9.06
C ALA A 277 8.78 -3.29 7.88
N TYR A 278 9.24 -2.90 6.65
CA TYR A 278 8.85 -3.60 5.39
C TYR A 278 7.30 -3.46 5.26
N ALA A 279 6.57 -4.58 5.15
CA ALA A 279 5.11 -4.54 4.90
C ALA A 279 4.53 -5.90 5.10
N PHE A 280 3.20 -6.00 5.02
CA PHE A 280 2.50 -7.28 4.87
C PHE A 280 2.52 -8.14 6.14
N GLY A 281 2.95 -7.54 7.26
CA GLY A 281 2.99 -8.31 8.50
C GLY A 281 4.04 -9.37 8.58
N LYS A 282 5.05 -9.31 7.70
CA LYS A 282 6.08 -10.33 7.69
C LYS A 282 7.08 -10.18 8.85
N TYR A 283 7.30 -8.93 9.27
CA TYR A 283 8.22 -8.64 10.35
C TYR A 283 7.52 -7.81 11.43
N LEU A 284 8.01 -7.94 12.67
CA LEU A 284 7.65 -7.01 13.77
C LEU A 284 8.86 -6.11 14.04
N GLY A 285 8.72 -4.81 13.79
CA GLY A 285 9.82 -3.86 14.13
C GLY A 285 10.03 -3.88 15.65
N TYR A 286 11.28 -3.77 16.07
CA TYR A 286 11.61 -3.83 17.52
C TYR A 286 12.80 -2.89 17.74
N LEU A 287 12.58 -1.81 18.46
CA LEU A 287 13.66 -0.83 18.70
C LEU A 287 13.69 -0.59 20.20
N LYS A 288 14.86 -0.72 20.81
CA LYS A 288 15.03 -0.37 22.22
C LYS A 288 15.73 0.96 22.37
N ILE A 289 15.12 1.88 23.11
CA ILE A 289 15.63 3.27 23.28
CA ILE A 289 15.71 3.24 23.27
C ILE A 289 15.95 3.50 24.75
N GLU A 290 17.14 4.03 25.06
CA GLU A 290 17.38 4.41 26.44
C GLU A 290 17.36 5.92 26.49
N PHE A 291 16.60 6.44 27.43
CA PHE A 291 16.45 7.89 27.64
C PHE A 291 17.06 8.30 28.97
N ASP A 292 17.62 9.51 29.00
CA ASP A 292 18.02 10.09 30.27
C ASP A 292 16.82 10.72 30.90
N GLU A 293 17.03 11.33 32.09
CA GLU A 293 15.91 11.88 32.85
C GLU A 293 15.21 13.12 32.22
N ARG A 294 15.88 13.77 31.28
CA ARG A 294 15.38 14.94 30.59
C ARG A 294 14.82 14.49 29.23
N GLY A 295 14.76 13.19 28.98
CA GLY A 295 14.17 12.73 27.70
C GLY A 295 15.08 12.79 26.50
N ASN A 296 16.39 12.88 26.74
CA ASN A 296 17.33 12.68 25.63
C ASN A 296 17.66 11.24 25.35
N VAL A 297 17.81 10.92 24.07
CA VAL A 297 18.08 9.55 23.67
C VAL A 297 19.59 9.33 23.90
N ILE A 298 19.90 8.41 24.82
CA ILE A 298 21.25 7.96 25.14
C ILE A 298 21.74 6.92 24.14
N SER A 299 20.88 5.96 23.77
CA SER A 299 21.25 4.90 22.82
C SER A 299 19.97 4.34 22.16
N SER A 300 20.14 3.77 20.97
CA SER A 300 19.01 3.08 20.27
C SER A 300 19.57 1.87 19.58
N HIS A 301 18.89 0.72 19.64
CA HIS A 301 19.37 -0.40 18.85
C HIS A 301 18.18 -1.38 18.68
N GLY A 302 18.24 -2.22 17.66
CA GLY A 302 17.25 -3.26 17.52
C GLY A 302 17.28 -3.82 16.14
N ASN A 303 16.18 -4.40 15.69
CA ASN A 303 16.09 -4.99 14.36
C ASN A 303 14.66 -5.51 14.21
N PRO A 304 14.13 -5.46 12.99
CA PRO A 304 12.84 -6.15 12.77
C PRO A 304 13.01 -7.67 13.02
N ILE A 305 11.96 -8.31 13.55
CA ILE A 305 11.97 -9.75 13.81
C ILE A 305 11.14 -10.45 12.73
N LEU A 306 11.77 -11.39 12.02
CA LEU A 306 11.04 -12.13 10.99
C LEU A 306 10.04 -13.07 11.69
N LEU A 307 8.79 -12.92 11.34
CA LEU A 307 7.71 -13.76 12.00
C LEU A 307 7.61 -15.06 11.17
N ASP A 308 8.57 -15.96 11.36
CA ASP A 308 8.56 -17.20 10.58
C ASP A 308 7.90 -18.32 11.38
N SER A 309 7.92 -19.52 10.77
CA SER A 309 7.15 -20.65 11.32
CA SER A 309 7.16 -20.65 11.32
C SER A 309 7.68 -21.18 12.65
N SER A 310 8.88 -20.78 13.06
CA SER A 310 9.39 -21.15 14.36
C SER A 310 8.61 -20.50 15.49
N ILE A 311 7.84 -19.44 15.20
CA ILE A 311 7.02 -18.80 16.23
C ILE A 311 5.58 -19.35 16.04
N PRO A 312 5.00 -19.99 17.07
CA PRO A 312 3.68 -20.60 16.79
C PRO A 312 2.55 -19.59 16.63
N GLU A 313 1.53 -19.88 15.82
CA GLU A 313 0.35 -19.08 15.84
C GLU A 313 -0.39 -19.17 17.16
N ASP A 314 -0.79 -18.05 17.76
CA ASP A 314 -1.60 -18.16 19.00
C ASP A 314 -2.90 -18.93 18.72
N PRO A 315 -3.22 -20.00 19.52
CA PRO A 315 -4.37 -20.80 19.10
C PRO A 315 -5.69 -20.06 19.18
N SER A 316 -5.87 -19.15 20.16
CA SER A 316 -7.11 -18.43 20.33
CA SER A 316 -7.14 -18.47 20.28
C SER A 316 -7.33 -17.46 19.16
N ILE A 317 -6.29 -16.69 18.82
CA ILE A 317 -6.42 -15.77 17.69
C ILE A 317 -6.66 -16.61 16.41
N LYS A 318 -5.92 -17.69 16.19
CA LYS A 318 -6.07 -18.52 15.00
C LYS A 318 -7.50 -19.03 14.90
N ALA A 319 -8.07 -19.42 16.03
CA ALA A 319 -9.43 -19.94 15.94
C ALA A 319 -10.44 -18.85 15.58
N ASP A 320 -10.24 -17.63 16.08
CA ASP A 320 -11.09 -16.51 15.72
CA ASP A 320 -11.06 -16.46 15.74
C ASP A 320 -10.92 -16.17 14.25
N ILE A 321 -9.68 -16.18 13.76
CA ILE A 321 -9.41 -15.98 12.30
C ILE A 321 -10.23 -17.02 11.51
N ASN A 322 -10.14 -18.31 11.88
CA ASN A 322 -10.85 -19.36 11.12
C ASN A 322 -12.37 -19.16 11.18
N LYS A 323 -12.87 -18.62 12.29
CA LYS A 323 -14.31 -18.28 12.37
C LYS A 323 -14.68 -17.19 11.36
N TRP A 324 -13.88 -16.13 11.35
CA TRP A 324 -14.16 -14.98 10.47
C TRP A 324 -13.97 -15.39 8.99
N ARG A 325 -13.19 -16.43 8.74
CA ARG A 325 -12.94 -16.87 7.35
CA ARG A 325 -12.91 -16.92 7.35
C ARG A 325 -14.22 -17.39 6.70
N ILE A 326 -15.19 -17.81 7.49
CA ILE A 326 -16.36 -18.47 6.86
C ILE A 326 -17.06 -17.56 5.89
N LYS A 327 -17.33 -16.32 6.31
CA LYS A 327 -17.98 -15.28 5.48
C LYS A 327 -17.13 -14.97 4.24
N LEU A 328 -15.81 -15.08 4.34
CA LEU A 328 -14.95 -14.91 3.15
C LEU A 328 -15.20 -16.00 2.10
N ASP A 329 -15.21 -17.23 2.60
CA ASP A 329 -15.37 -18.40 1.71
C ASP A 329 -16.76 -18.26 1.07
N ASP A 330 -17.78 -17.90 1.85
CA ASP A 330 -19.16 -17.68 1.27
C ASP A 330 -19.12 -16.60 0.16
N TYR A 331 -18.42 -15.49 0.40
CA TYR A 331 -18.43 -14.35 -0.49
C TYR A 331 -17.75 -14.75 -1.82
N SER A 332 -16.74 -15.59 -1.72
CA SER A 332 -15.88 -15.91 -2.86
CA SER A 332 -15.88 -15.96 -2.85
C SER A 332 -16.64 -16.58 -4.02
N THR A 333 -17.80 -17.17 -3.73
CA THR A 333 -18.55 -17.80 -4.82
C THR A 333 -19.84 -17.07 -5.19
N GLN A 334 -20.04 -15.84 -4.67
CA GLN A 334 -21.21 -15.04 -4.96
C GLN A 334 -21.04 -14.34 -6.33
N GLU A 335 -22.15 -14.19 -7.05
CA GLU A 335 -22.07 -13.39 -8.29
C GLU A 335 -21.71 -11.91 -8.02
N LEU A 336 -20.65 -11.39 -8.70
CA LEU A 336 -20.26 -10.00 -8.58
C LEU A 336 -20.95 -9.18 -9.69
N GLY A 337 -21.24 -9.87 -10.81
CA GLY A 337 -21.74 -9.16 -12.00
C GLY A 337 -21.82 -10.20 -13.10
N LYS A 338 -22.10 -9.75 -14.32
CA LYS A 338 -22.21 -10.65 -15.45
C LYS A 338 -21.39 -10.19 -16.65
N THR A 339 -20.95 -11.16 -17.44
CA THR A 339 -20.40 -10.87 -18.77
C THR A 339 -21.29 -11.53 -19.82
N ILE A 340 -21.52 -10.78 -20.90
CA ILE A 340 -22.15 -11.39 -22.09
C ILE A 340 -21.14 -11.78 -23.17
N VAL A 341 -19.84 -11.56 -22.95
CA VAL A 341 -18.83 -12.01 -23.89
C VAL A 341 -17.87 -13.01 -23.19
N TYR A 342 -17.26 -13.86 -23.98
CA TYR A 342 -16.13 -14.67 -23.44
C TYR A 342 -14.98 -13.70 -23.02
N LEU A 343 -14.48 -13.88 -21.82
CA LEU A 343 -13.33 -13.07 -21.37
C LEU A 343 -12.06 -13.84 -21.66
N ASP A 344 -11.40 -13.46 -22.74
CA ASP A 344 -10.28 -14.20 -23.28
C ASP A 344 -8.98 -13.82 -22.57
N GLY A 345 -8.68 -14.55 -21.50
CA GLY A 345 -7.38 -14.45 -20.82
C GLY A 345 -6.48 -15.64 -21.13
N SER A 346 -6.67 -16.27 -22.29
CA SER A 346 -5.76 -17.34 -22.73
C SER A 346 -4.36 -16.78 -23.06
N SER A 347 -3.29 -17.56 -22.84
CA SER A 347 -1.96 -17.07 -23.20
C SER A 347 -1.80 -16.99 -24.68
N GLN A 348 -2.50 -17.86 -25.44
CA GLN A 348 -2.39 -17.80 -26.92
C GLN A 348 -2.92 -16.48 -27.50
N SER A 349 -3.80 -15.80 -26.76
CA SER A 349 -4.25 -14.44 -27.14
C SER A 349 -3.37 -13.39 -26.42
N CYS A 350 -3.35 -13.42 -25.08
CA CYS A 350 -2.81 -12.30 -24.33
C CYS A 350 -1.31 -12.13 -24.40
N ARG A 351 -0.60 -13.17 -24.90
CA ARG A 351 0.83 -13.03 -25.05
C ARG A 351 1.23 -12.74 -26.51
N PHE A 352 0.23 -12.56 -27.39
CA PHE A 352 0.53 -12.38 -28.85
C PHE A 352 -0.20 -11.17 -29.48
N ARG A 353 -1.30 -10.68 -28.87
CA ARG A 353 -2.09 -9.66 -29.49
C ARG A 353 -3.01 -9.05 -28.40
N GLU A 354 -3.64 -7.96 -28.76
CA GLU A 354 -4.69 -7.38 -27.87
C GLU A 354 -5.71 -8.45 -27.49
N CYS A 355 -5.97 -8.58 -26.20
CA CYS A 355 -6.99 -9.50 -25.77
C CYS A 355 -8.03 -8.79 -24.91
N ASN A 356 -9.28 -9.25 -24.97
CA ASN A 356 -10.28 -8.44 -24.29
C ASN A 356 -10.25 -8.59 -22.77
N MET A 357 -9.61 -9.64 -22.25
CA MET A 357 -9.40 -9.66 -20.76
C MET A 357 -8.43 -8.59 -20.35
N GLY A 358 -7.40 -8.41 -21.16
CA GLY A 358 -6.39 -7.35 -20.88
C GLY A 358 -7.05 -5.96 -20.90
N ASN A 359 -7.95 -5.77 -21.91
CA ASN A 359 -8.64 -4.45 -21.98
C ASN A 359 -9.53 -4.23 -20.76
N LEU A 360 -10.23 -5.27 -20.34
CA LEU A 360 -11.12 -5.18 -19.13
C LEU A 360 -10.32 -4.80 -17.91
N ILE A 361 -9.22 -5.52 -17.73
CA ILE A 361 -8.37 -5.31 -16.53
C ILE A 361 -7.75 -3.86 -16.53
N CYS A 362 -7.25 -3.42 -17.66
CA CYS A 362 -6.77 -2.04 -17.72
C CYS A 362 -7.89 -0.99 -17.56
N ASP A 363 -9.09 -1.24 -18.09
CA ASP A 363 -10.15 -0.26 -17.90
C ASP A 363 -10.52 -0.24 -16.41
N ALA A 364 -10.43 -1.37 -15.74
CA ALA A 364 -10.71 -1.38 -14.29
C ALA A 364 -9.63 -0.62 -13.53
N MET A 365 -8.41 -0.77 -13.98
CA MET A 365 -7.28 -0.03 -13.34
C MET A 365 -7.49 1.46 -13.43
N ILE A 366 -7.83 1.95 -14.63
CA ILE A 366 -8.06 3.37 -14.78
CA ILE A 366 -8.08 3.39 -14.79
C ILE A 366 -9.25 3.82 -13.93
N ASN A 367 -10.33 3.02 -13.93
CA ASN A 367 -11.51 3.37 -13.13
C ASN A 367 -11.19 3.48 -11.61
N ASN A 368 -10.32 2.60 -11.13
CA ASN A 368 -9.94 2.55 -9.67
C ASN A 368 -9.15 3.84 -9.33
N ASN A 369 -8.53 4.49 -10.36
CA ASN A 369 -7.61 5.63 -10.15
C ASN A 369 -8.22 6.96 -10.57
N LEU A 370 -9.57 7.00 -10.62
CA LEU A 370 -10.31 8.26 -10.79
C LEU A 370 -10.29 8.91 -9.44
N ARG A 371 -9.61 10.05 -9.41
CA ARG A 371 -9.53 10.87 -8.15
C ARG A 371 -9.97 12.32 -8.38
N HIS A 372 -10.19 13.08 -7.32
CA HIS A 372 -10.66 14.44 -7.53
CA HIS A 372 -10.61 14.50 -7.46
C HIS A 372 -9.62 15.28 -8.30
N ALA A 373 -10.14 16.02 -9.27
CA ALA A 373 -9.32 16.76 -10.20
C ALA A 373 -9.54 18.28 -10.12
N ASP A 374 -8.42 18.98 -10.16
CA ASP A 374 -8.19 20.30 -10.72
C ASP A 374 -9.11 20.70 -11.91
N GLU A 375 -9.12 21.98 -12.25
CA GLU A 375 -9.60 22.35 -13.58
C GLU A 375 -8.47 22.12 -14.59
N MET A 376 -7.34 21.57 -14.14
CA MET A 376 -6.20 21.36 -15.06
C MET A 376 -6.13 19.93 -15.66
N PHE A 377 -6.95 19.00 -15.17
CA PHE A 377 -7.01 17.67 -15.77
CA PHE A 377 -6.97 17.62 -15.68
C PHE A 377 -8.39 17.07 -15.63
N TRP A 378 -8.77 16.22 -16.58
CA TRP A 378 -10.05 15.51 -16.36
C TRP A 378 -9.88 14.40 -15.30
N ASN A 379 -8.70 13.78 -15.33
CA ASN A 379 -8.21 12.85 -14.29
C ASN A 379 -6.70 12.90 -14.33
N HIS A 380 -6.05 12.67 -13.17
CA HIS A 380 -4.62 12.79 -13.12
C HIS A 380 -3.87 11.67 -13.83
N VAL A 381 -4.55 10.54 -14.08
CA VAL A 381 -3.90 9.44 -14.81
C VAL A 381 -4.88 8.85 -15.82
N SER A 382 -4.35 8.51 -16.98
CA SER A 382 -5.17 7.96 -18.12
C SER A 382 -4.61 6.72 -18.75
N MET A 383 -3.46 6.23 -18.29
CA MET A 383 -2.71 5.22 -19.00
C MET A 383 -2.44 3.99 -18.13
N CYS A 384 -2.39 2.84 -18.79
CA CYS A 384 -2.27 1.54 -18.12
C CYS A 384 -1.43 0.62 -18.98
N ILE A 385 -0.57 -0.18 -18.34
CA ILE A 385 0.07 -1.36 -19.01
C ILE A 385 -0.03 -2.58 -18.09
N LEU A 386 -0.08 -3.75 -18.70
CA LEU A 386 -0.32 -5.00 -17.96
C LEU A 386 0.35 -6.11 -18.76
N ASN A 387 1.36 -6.77 -18.19
CA ASN A 387 1.99 -7.85 -18.94
C ASN A 387 1.06 -9.04 -19.12
N GLY A 388 1.10 -9.63 -20.32
CA GLY A 388 0.18 -10.72 -20.64
C GLY A 388 0.46 -11.95 -19.77
N GLY A 389 1.72 -12.12 -19.38
CA GLY A 389 2.10 -13.19 -18.44
C GLY A 389 1.41 -13.10 -17.09
N GLY A 390 0.89 -11.91 -16.77
CA GLY A 390 0.13 -11.69 -15.50
C GLY A 390 -1.33 -12.11 -15.57
N ILE A 391 -1.81 -12.39 -16.77
CA ILE A 391 -3.19 -12.83 -16.96
C ILE A 391 -3.20 -14.36 -17.07
N ARG A 392 -3.87 -15.06 -16.14
CA ARG A 392 -3.59 -16.50 -15.98
C ARG A 392 -4.77 -17.44 -16.26
N SER A 393 -5.93 -16.88 -16.66
CA SER A 393 -7.09 -17.69 -17.03
C SER A 393 -8.05 -16.88 -17.85
N PRO A 394 -8.82 -17.53 -18.72
CA PRO A 394 -10.01 -16.88 -19.25
C PRO A 394 -11.15 -17.06 -18.27
N ILE A 395 -12.28 -16.37 -18.52
CA ILE A 395 -13.57 -16.60 -17.85
C ILE A 395 -14.63 -16.86 -18.93
N ASP A 396 -15.25 -18.06 -18.85
CA ASP A 396 -16.34 -18.47 -19.75
C ASP A 396 -17.61 -17.77 -19.35
N GLU A 397 -18.36 -17.31 -20.37
CA GLU A 397 -19.59 -16.54 -20.17
C GLU A 397 -20.84 -17.43 -20.11
N ARG A 398 -20.61 -18.72 -20.30
CA ARG A 398 -21.76 -19.65 -20.47
C ARG A 398 -22.34 -20.19 -19.12
N ASN A 399 -21.82 -19.71 -17.99
CA ASN A 399 -22.39 -19.98 -16.64
C ASN A 399 -23.44 -18.87 -16.28
N ASP A 400 -24.44 -18.73 -17.16
CA ASP A 400 -25.44 -17.67 -17.05
C ASP A 400 -24.79 -16.26 -16.99
N GLY A 401 -23.57 -16.20 -17.52
CA GLY A 401 -22.84 -14.94 -17.49
C GLY A 401 -22.11 -14.62 -16.19
N THR A 402 -22.37 -15.41 -15.13
CA THR A 402 -21.87 -15.02 -13.80
C THR A 402 -20.34 -14.92 -13.76
N ILE A 403 -19.86 -13.92 -13.02
CA ILE A 403 -18.44 -13.81 -12.65
C ILE A 403 -18.40 -13.77 -11.12
N THR A 404 -17.49 -14.57 -10.53
CA THR A 404 -17.30 -14.58 -9.07
C THR A 404 -15.93 -14.13 -8.71
N TRP A 405 -15.72 -13.82 -7.43
CA TRP A 405 -14.36 -13.54 -6.97
C TRP A 405 -13.41 -14.71 -7.26
N GLU A 406 -13.83 -15.93 -6.99
CA GLU A 406 -13.08 -17.12 -7.28
C GLU A 406 -12.61 -17.20 -8.74
N ASN A 407 -13.53 -16.84 -9.67
CA ASN A 407 -13.08 -16.75 -11.09
C ASN A 407 -11.96 -15.70 -11.27
N LEU A 408 -12.14 -14.53 -10.65
CA LEU A 408 -11.10 -13.47 -10.80
C LEU A 408 -9.79 -13.87 -10.17
N ALA A 409 -9.86 -14.59 -9.04
CA ALA A 409 -8.62 -15.13 -8.43
C ALA A 409 -7.83 -16.05 -9.31
N ALA A 410 -8.48 -16.76 -10.27
CA ALA A 410 -7.78 -17.63 -11.22
C ALA A 410 -7.07 -16.77 -12.26
N VAL A 411 -7.71 -15.66 -12.64
CA VAL A 411 -7.07 -14.76 -13.61
C VAL A 411 -5.84 -14.05 -13.03
N LEU A 412 -5.97 -13.68 -11.76
CA LEU A 412 -5.00 -12.82 -11.08
C LEU A 412 -4.63 -13.50 -9.77
N PRO A 413 -3.74 -14.51 -9.85
CA PRO A 413 -3.51 -15.39 -8.67
C PRO A 413 -2.31 -14.99 -7.82
N PHE A 414 -1.58 -13.91 -8.14
CA PHE A 414 -0.29 -13.67 -7.51
C PHE A 414 -0.33 -12.79 -6.26
N GLY A 415 -1.49 -12.25 -5.90
CA GLY A 415 -1.62 -11.39 -4.72
C GLY A 415 -0.83 -10.09 -4.91
N GLY A 416 -0.96 -9.53 -6.09
CA GLY A 416 -0.29 -8.23 -6.38
C GLY A 416 -1.23 -7.03 -6.21
N THR A 417 -0.68 -5.90 -6.61
CA THR A 417 -1.41 -4.64 -6.56
C THR A 417 -1.27 -3.99 -7.94
N PHE A 418 -2.16 -3.01 -8.16
CA PHE A 418 -2.03 -2.15 -9.36
C PHE A 418 -1.58 -0.79 -8.85
N ASP A 419 -0.34 -0.46 -9.25
CA ASP A 419 0.40 0.65 -8.67
C ASP A 419 0.42 1.87 -9.61
N LEU A 420 0.73 3.05 -9.04
CA LEU A 420 0.85 4.30 -9.81
C LEU A 420 2.38 4.66 -9.91
N VAL A 421 2.86 4.81 -11.12
CA VAL A 421 4.25 5.27 -11.35
C VAL A 421 4.29 6.48 -12.26
N GLN A 422 5.43 7.17 -12.23
CA GLN A 422 5.69 8.23 -13.24
C GLN A 422 6.85 7.78 -14.09
N LEU A 423 6.67 7.75 -15.41
CA LEU A 423 7.69 7.27 -16.36
C LEU A 423 7.89 8.33 -17.46
N LYS A 424 9.15 8.66 -17.78
CA LYS A 424 9.36 9.46 -18.98
C LYS A 424 8.89 8.71 -20.21
N GLY A 425 8.44 9.44 -21.23
CA GLY A 425 8.04 8.82 -22.50
C GLY A 425 9.17 7.88 -23.01
N SER A 426 10.45 8.28 -22.94
CA SER A 426 11.53 7.42 -23.45
C SER A 426 11.57 6.05 -22.76
N THR A 427 11.30 6.05 -21.46
CA THR A 427 11.22 4.81 -20.68
C THR A 427 10.05 3.96 -21.17
N LEU A 428 8.90 4.57 -21.36
CA LEU A 428 7.74 3.83 -21.88
CA LEU A 428 7.74 3.86 -21.96
C LEU A 428 7.99 3.28 -23.33
N LYS A 429 8.66 4.04 -24.19
CA LYS A 429 8.98 3.53 -25.52
C LYS A 429 9.89 2.28 -25.35
N LYS A 430 10.90 2.38 -24.49
CA LYS A 430 11.77 1.25 -24.18
C LYS A 430 10.99 0.02 -23.69
N ALA A 431 9.98 0.25 -22.84
CA ALA A 431 9.15 -0.86 -22.34
C ALA A 431 8.37 -1.50 -23.52
N PHE A 432 7.85 -0.68 -24.45
CA PHE A 432 7.08 -1.23 -25.59
C PHE A 432 8.01 -2.00 -26.56
N GLU A 433 9.26 -1.56 -26.62
CA GLU A 433 10.20 -2.32 -27.47
C GLU A 433 10.47 -3.63 -26.79
N HIS A 434 10.61 -3.62 -25.46
CA HIS A 434 10.88 -4.85 -24.71
C HIS A 434 9.70 -5.86 -24.86
N SER A 435 8.50 -5.29 -24.94
CA SER A 435 7.25 -6.03 -25.09
C SER A 435 7.27 -7.00 -26.28
N VAL A 436 8.00 -6.63 -27.34
CA VAL A 436 8.06 -7.45 -28.54
C VAL A 436 9.51 -7.84 -28.93
N HIS A 437 10.47 -7.70 -28.02
CA HIS A 437 11.92 -7.88 -28.45
C HIS A 437 12.17 -9.27 -28.98
N ARG A 438 11.44 -10.26 -28.46
CA ARG A 438 11.63 -11.66 -28.88
C ARG A 438 10.26 -12.27 -29.20
N TYR A 439 9.41 -11.46 -29.82
CA TYR A 439 8.05 -11.85 -30.16
C TYR A 439 7.93 -13.20 -30.82
N GLY A 440 6.88 -13.94 -30.45
CA GLY A 440 6.62 -15.24 -31.08
C GLY A 440 6.87 -16.47 -30.20
N GLN A 441 7.39 -16.29 -28.99
CA GLN A 441 7.80 -17.39 -28.10
C GLN A 441 6.83 -17.58 -26.96
N SER A 442 5.68 -16.87 -26.99
CA SER A 442 4.73 -16.93 -25.88
C SER A 442 5.32 -16.55 -24.51
N THR A 443 6.08 -15.45 -24.50
CA THR A 443 6.73 -14.98 -23.29
C THR A 443 5.83 -13.92 -22.60
N GLY A 444 6.10 -13.71 -21.34
CA GLY A 444 5.15 -12.98 -20.50
C GLY A 444 5.15 -11.49 -20.71
N GLU A 445 6.21 -10.92 -21.29
CA GLU A 445 6.37 -9.44 -21.27
C GLU A 445 5.48 -8.67 -22.27
N PHE A 446 4.76 -9.40 -23.15
CA PHE A 446 3.90 -8.71 -24.14
C PHE A 446 2.83 -7.86 -23.43
N LEU A 447 2.68 -6.59 -23.81
CA LEU A 447 1.88 -5.66 -22.95
C LEU A 447 0.45 -5.50 -23.48
N GLN A 448 -0.52 -5.74 -22.57
CA GLN A 448 -1.88 -5.24 -22.73
C GLN A 448 -1.96 -3.80 -22.23
N VAL A 449 -2.95 -3.02 -22.69
CA VAL A 449 -2.89 -1.57 -22.48
C VAL A 449 -4.26 -0.96 -22.27
N GLY A 450 -4.23 0.22 -21.68
CA GLY A 450 -5.42 1.14 -21.62
C GLY A 450 -4.91 2.59 -21.83
N GLY A 451 -5.65 3.39 -22.55
CA GLY A 451 -5.24 4.81 -22.74
C GLY A 451 -3.95 4.96 -23.60
N ILE A 452 -3.60 3.87 -24.31
CA ILE A 452 -2.38 3.83 -25.15
C ILE A 452 -2.79 3.08 -26.40
N HIS A 453 -2.34 3.64 -27.55
CA HIS A 453 -2.53 2.93 -28.85
C HIS A 453 -1.16 2.74 -29.46
N VAL A 454 -0.78 1.47 -29.65
CA VAL A 454 0.57 1.16 -30.16
C VAL A 454 0.47 0.41 -31.48
N VAL A 455 1.43 0.64 -32.38
CA VAL A 455 1.48 -0.15 -33.62
C VAL A 455 2.94 -0.63 -33.73
N TYR A 456 3.10 -1.96 -33.93
CA TYR A 456 4.39 -2.60 -34.10
C TYR A 456 4.59 -2.95 -35.57
N ASP A 457 5.85 -2.93 -35.98
CA ASP A 457 6.26 -3.53 -37.26
C ASP A 457 7.36 -4.58 -36.95
N LEU A 458 6.96 -5.84 -36.95
CA LEU A 458 7.79 -6.91 -36.44
C LEU A 458 8.91 -7.27 -37.43
N SER A 459 8.81 -6.76 -38.66
CA SER A 459 9.91 -6.92 -39.65
C SER A 459 11.12 -6.03 -39.33
N ARG A 460 11.01 -5.09 -38.40
CA ARG A 460 12.13 -4.23 -37.99
C ARG A 460 12.98 -4.95 -36.94
N LYS A 461 14.20 -4.46 -36.68
CA LYS A 461 15.10 -5.10 -35.71
C LYS A 461 14.54 -4.95 -34.32
N PRO A 462 14.71 -5.98 -33.46
CA PRO A 462 14.45 -5.73 -32.03
C PRO A 462 14.97 -4.39 -31.51
N GLY A 463 14.20 -3.70 -30.66
CA GLY A 463 14.49 -2.34 -30.24
C GLY A 463 14.07 -1.21 -31.17
N ASP A 464 13.60 -1.56 -32.36
CA ASP A 464 13.08 -0.58 -33.30
C ASP A 464 11.77 -0.99 -33.97
N ARG A 465 10.93 -1.73 -33.23
CA ARG A 465 9.73 -2.26 -33.80
C ARG A 465 8.46 -1.40 -33.48
N VAL A 466 8.57 -0.46 -32.56
CA VAL A 466 7.41 0.41 -32.24
C VAL A 466 7.37 1.51 -33.30
N VAL A 467 6.34 1.49 -34.15
CA VAL A 467 6.26 2.52 -35.22
C VAL A 467 5.25 3.62 -34.96
N LYS A 468 4.36 3.43 -33.97
CA LYS A 468 3.46 4.50 -33.58
C LYS A 468 3.09 4.24 -32.13
N LEU A 469 3.05 5.29 -31.34
CA LEU A 469 2.69 5.13 -29.93
C LEU A 469 1.99 6.43 -29.52
N ASP A 470 0.69 6.38 -29.32
CA ASP A 470 -0.14 7.53 -28.98
C ASP A 470 -0.73 7.27 -27.61
N VAL A 471 -0.91 8.33 -26.86
CA VAL A 471 -1.35 8.22 -25.45
C VAL A 471 -2.51 9.20 -25.19
N LEU A 472 -3.40 8.77 -24.31
CA LEU A 472 -4.58 9.62 -23.98
C LEU A 472 -4.19 10.78 -23.09
N CYS A 473 -4.56 12.00 -23.44
CA CYS A 473 -4.17 13.14 -22.58
C CYS A 473 -4.84 13.13 -21.22
N THR A 474 -4.19 13.78 -20.26
CA THR A 474 -4.80 14.04 -18.92
C THR A 474 -5.14 15.53 -18.78
N SER A 475 -4.27 16.44 -19.23
CA SER A 475 -4.45 17.86 -19.06
C SER A 475 -5.26 18.40 -20.24
N CYS A 476 -6.54 18.06 -20.24
CA CYS A 476 -7.43 18.28 -21.38
C CYS A 476 -8.84 18.02 -20.86
N ARG A 477 -9.77 18.80 -21.43
CA ARG A 477 -11.15 18.67 -20.98
C ARG A 477 -11.86 17.59 -21.79
N VAL A 478 -11.44 17.39 -23.02
CA VAL A 478 -11.91 16.28 -23.89
C VAL A 478 -10.73 15.29 -24.04
N PRO A 479 -10.83 14.11 -23.45
CA PRO A 479 -9.72 13.11 -23.61
C PRO A 479 -9.55 12.77 -25.09
N SER A 480 -8.32 12.78 -25.57
CA SER A 480 -8.02 12.34 -26.91
C SER A 480 -6.53 11.91 -26.98
N TYR A 481 -6.18 11.28 -28.10
CA TYR A 481 -4.86 10.68 -28.24
C TYR A 481 -3.88 11.59 -28.98
N ASP A 482 -2.66 11.64 -28.46
CA ASP A 482 -1.57 12.38 -29.12
C ASP A 482 -0.30 11.54 -29.10
N PRO A 483 0.61 11.84 -30.00
CA PRO A 483 1.88 11.12 -29.91
C PRO A 483 2.63 11.24 -28.58
N LEU A 484 3.22 10.09 -28.21
CA LEU A 484 4.03 10.04 -27.00
CA LEU A 484 4.07 9.98 -27.03
C LEU A 484 5.26 10.93 -27.20
N LYS A 485 5.58 11.69 -26.15
CA LYS A 485 6.74 12.68 -26.15
C LYS A 485 7.83 12.06 -25.29
N MET A 486 9.06 11.95 -25.84
CA MET A 486 10.15 11.26 -25.13
C MET A 486 10.55 11.96 -23.81
N ASP A 487 10.44 13.29 -23.71
CA ASP A 487 10.83 13.98 -22.49
C ASP A 487 9.74 14.16 -21.47
N GLU A 488 8.47 13.96 -21.86
CA GLU A 488 7.38 14.20 -20.91
C GLU A 488 7.27 12.99 -19.94
N VAL A 489 6.88 13.30 -18.71
CA VAL A 489 6.76 12.30 -17.64
C VAL A 489 5.25 11.98 -17.58
N TYR A 490 4.91 10.70 -17.75
CA TYR A 490 3.51 10.22 -17.74
C TYR A 490 3.19 9.44 -16.49
N LYS A 491 2.00 9.69 -15.94
CA LYS A 491 1.51 8.72 -14.92
C LYS A 491 0.99 7.46 -15.60
N VAL A 492 1.28 6.31 -14.98
CA VAL A 492 0.85 5.01 -15.59
C VAL A 492 0.45 4.08 -14.46
N ILE A 493 -0.64 3.35 -14.61
CA ILE A 493 -1.03 2.34 -13.60
CA ILE A 493 -1.02 2.33 -13.61
C ILE A 493 -0.51 1.00 -14.16
N LEU A 494 0.18 0.21 -13.33
CA LEU A 494 0.67 -1.10 -13.78
C LEU A 494 0.87 -2.00 -12.58
N PRO A 495 1.06 -3.30 -12.81
CA PRO A 495 1.24 -4.25 -11.68
C PRO A 495 2.50 -3.98 -10.90
N ASN A 496 2.43 -4.15 -9.58
CA ASN A 496 3.71 -4.04 -8.82
C ASN A 496 4.81 -4.94 -9.39
N PHE A 497 4.45 -6.08 -9.98
CA PHE A 497 5.43 -6.98 -10.55
C PHE A 497 6.23 -6.25 -11.58
N LEU A 498 5.58 -5.40 -12.41
CA LEU A 498 6.30 -4.60 -13.36
C LEU A 498 7.07 -3.43 -12.78
N ALA A 499 6.49 -2.76 -11.78
CA ALA A 499 7.17 -1.61 -11.18
C ALA A 499 8.51 -2.09 -10.61
N ASN A 500 8.51 -3.35 -10.16
CA ASN A 500 9.72 -3.95 -9.58
C ASN A 500 10.68 -4.52 -10.61
N GLY A 501 10.38 -4.39 -11.90
CA GLY A 501 11.31 -4.84 -12.95
C GLY A 501 11.08 -6.25 -13.44
N GLY A 502 9.95 -6.85 -13.04
CA GLY A 502 9.65 -8.23 -13.47
C GLY A 502 9.49 -8.42 -14.98
N ASP A 503 9.64 -9.67 -15.42
CA ASP A 503 9.58 -10.02 -16.87
C ASP A 503 10.55 -9.19 -17.70
N GLY A 504 11.70 -8.87 -17.12
CA GLY A 504 12.72 -8.15 -17.85
C GLY A 504 12.52 -6.64 -18.01
N PHE A 505 11.53 -6.05 -17.32
CA PHE A 505 11.31 -4.59 -17.49
C PHE A 505 12.21 -3.81 -16.55
N GLN A 506 13.52 -4.07 -16.68
CA GLN A 506 14.47 -3.36 -15.77
C GLN A 506 14.46 -1.84 -15.95
N MET A 507 14.18 -1.39 -17.17
CA MET A 507 14.08 0.04 -17.46
C MET A 507 12.99 0.70 -16.62
N ILE A 508 11.91 -0.02 -16.34
CA ILE A 508 10.89 0.60 -15.47
C ILE A 508 11.42 0.81 -14.04
N LYS A 509 11.99 -0.24 -13.48
CA LYS A 509 12.51 -0.18 -12.10
C LYS A 509 13.61 0.91 -12.01
N ASP A 510 14.47 0.96 -13.03
CA ASP A 510 15.68 1.82 -12.96
C ASP A 510 15.42 3.27 -13.30
N GLU A 511 14.38 3.55 -14.11
CA GLU A 511 14.13 4.90 -14.66
C GLU A 511 12.90 5.60 -14.11
N LEU A 512 12.05 4.87 -13.39
CA LEU A 512 10.80 5.51 -12.87
C LEU A 512 11.14 6.66 -11.89
N LEU A 513 10.28 7.68 -11.91
CA LEU A 513 10.48 8.89 -11.13
CA LEU A 513 10.48 8.88 -11.12
C LEU A 513 9.71 8.89 -9.83
N ARG A 514 8.62 8.08 -9.77
CA ARG A 514 7.79 8.01 -8.61
C ARG A 514 7.10 6.62 -8.63
N HIS A 515 6.83 6.07 -7.45
CA HIS A 515 6.14 4.74 -7.39
C HIS A 515 5.32 4.73 -6.10
N ASP A 516 4.01 4.51 -6.17
CA ASP A 516 3.21 4.37 -5.01
C ASP A 516 2.41 3.07 -5.12
N SER A 517 2.36 2.30 -4.05
CA SER A 517 1.64 1.04 -4.10
CA SER A 517 1.61 1.01 -4.02
C SER A 517 0.12 1.25 -4.04
N GLY A 518 -0.57 0.54 -4.92
CA GLY A 518 -2.01 0.69 -5.07
C GLY A 518 -2.88 -0.39 -4.49
N ASP A 519 -4.09 -0.53 -5.04
CA ASP A 519 -5.07 -1.49 -4.48
C ASP A 519 -4.83 -2.94 -4.91
N GLN A 520 -5.40 -3.91 -4.16
CA GLN A 520 -5.24 -5.31 -4.55
C GLN A 520 -5.77 -5.60 -5.97
N ASP A 521 -4.96 -6.33 -6.75
CA ASP A 521 -5.36 -6.61 -8.18
C ASP A 521 -6.76 -7.17 -8.34
N ILE A 522 -7.09 -8.26 -7.61
CA ILE A 522 -8.44 -8.86 -7.75
C ILE A 522 -9.50 -7.84 -7.39
N ASN A 523 -9.32 -7.11 -6.24
CA ASN A 523 -10.32 -6.16 -5.77
C ASN A 523 -10.58 -5.03 -6.78
N VAL A 524 -9.54 -4.57 -7.50
CA VAL A 524 -9.75 -3.50 -8.52
C VAL A 524 -10.74 -4.05 -9.57
N VAL A 525 -10.49 -5.30 -10.00
CA VAL A 525 -11.34 -5.83 -11.09
C VAL A 525 -12.75 -6.11 -10.57
N SER A 526 -12.83 -6.69 -9.34
CA SER A 526 -14.14 -7.05 -8.80
CA SER A 526 -14.14 -7.04 -8.77
C SER A 526 -15.02 -5.80 -8.60
N THR A 527 -14.44 -4.70 -8.06
CA THR A 527 -15.17 -3.40 -7.90
C THR A 527 -15.72 -2.88 -9.22
N TYR A 528 -14.90 -2.99 -10.26
CA TYR A 528 -15.29 -2.44 -11.54
C TYR A 528 -16.45 -3.31 -12.11
N ILE A 529 -16.31 -4.64 -12.06
CA ILE A 529 -17.39 -5.53 -12.55
C ILE A 529 -18.67 -5.23 -11.78
N SER A 530 -18.57 -5.13 -10.46
CA SER A 530 -19.79 -4.88 -9.65
C SER A 530 -20.46 -3.55 -10.03
N LYS A 531 -19.65 -2.52 -10.31
CA LYS A 531 -20.18 -1.21 -10.72
CA LYS A 531 -20.14 -1.21 -10.73
C LYS A 531 -20.83 -1.28 -12.08
N MET A 532 -20.19 -2.00 -13.03
CA MET A 532 -20.71 -2.02 -14.40
C MET A 532 -21.94 -2.92 -14.53
N LYS A 533 -22.05 -3.95 -13.68
CA LYS A 533 -23.20 -4.92 -13.66
C LYS A 533 -23.14 -5.93 -14.80
N VAL A 534 -23.05 -5.43 -16.05
CA VAL A 534 -23.01 -6.28 -17.22
C VAL A 534 -21.84 -5.74 -18.08
N ILE A 535 -20.86 -6.58 -18.40
CA ILE A 535 -19.70 -6.12 -19.20
C ILE A 535 -19.63 -6.87 -20.55
N TYR A 536 -18.97 -6.24 -21.51
CA TYR A 536 -18.85 -6.74 -22.86
C TYR A 536 -17.59 -6.14 -23.55
N PRO A 537 -16.43 -6.28 -22.90
CA PRO A 537 -15.20 -5.75 -23.51
C PRO A 537 -14.87 -6.33 -24.87
N ALA A 538 -14.53 -5.42 -25.77
CA ALA A 538 -14.09 -5.78 -27.13
C ALA A 538 -12.60 -5.69 -27.35
N VAL A 539 -12.12 -6.32 -28.42
CA VAL A 539 -10.80 -6.07 -28.94
C VAL A 539 -11.00 -4.97 -29.96
N GLU A 540 -10.32 -3.84 -29.80
CA GLU A 540 -10.75 -2.63 -30.55
C GLU A 540 -9.66 -1.88 -31.22
N GLY A 541 -8.45 -2.46 -31.32
CA GLY A 541 -7.40 -1.73 -32.06
C GLY A 541 -6.45 -0.97 -31.18
N ARG A 542 -6.44 -1.27 -29.85
CA ARG A 542 -5.43 -0.58 -29.05
C ARG A 542 -4.02 -1.06 -29.43
N ILE A 543 -3.90 -2.30 -29.91
CA ILE A 543 -2.57 -2.81 -30.31
C ILE A 543 -2.71 -3.33 -31.73
N LYS A 544 -1.84 -2.86 -32.61
CA LYS A 544 -1.89 -3.35 -34.03
C LYS A 544 -0.50 -3.67 -34.52
N PHE A 545 -0.47 -4.54 -35.54
CA PHE A 545 0.76 -4.91 -36.22
C PHE A 545 0.64 -4.41 -37.67
N SER A 546 1.72 -3.91 -38.20
CA SER A 546 1.66 -3.38 -39.58
C SER A 546 2.41 -4.33 -40.50
ZN ZN B . 0.80 4.07 2.10
ZN ZN C . 0.96 0.81 1.94
O33 0YQ D . 2.07 -22.08 -15.92
C31 0YQ D . 2.36 -22.22 -17.13
O32 0YQ D . 1.62 -22.87 -17.91
C30 0YQ D . 3.64 -21.62 -17.67
N25 0YQ D . 4.62 -21.23 -16.66
C26 0YQ D . 5.53 -20.13 -16.92
C27 0YQ D . 4.90 -19.01 -17.72
O29 0YQ D . 4.00 -18.33 -17.14
O28 0YQ D . 5.28 -18.83 -18.90
C23 0YQ D . 4.75 -21.98 -15.40
C22 0YQ D . 5.03 -21.23 -14.10
O24 0YQ D . 5.77 -21.76 -13.29
N21 0YQ D . 4.46 -20.04 -13.86
C20 0YQ D . 4.32 -19.44 -12.53
C19 0YQ D . 5.19 -18.21 -12.31
N17 0YQ D . 4.98 -17.14 -13.29
C16 0YQ D . 5.67 -16.98 -14.45
O18 0YQ D . 6.61 -17.67 -14.80
C12 0YQ D . 5.23 -15.86 -15.38
C11 0YQ D . 6.25 -14.71 -15.51
O15 0YQ D . 7.01 -14.72 -16.74
C10 0YQ D . 5.38 -13.45 -15.54
O14 0YQ D . 5.00 -13.10 -16.90
O13 0YQ D . 4.03 -15.29 -14.85
C9 0YQ D . 4.15 -13.86 -14.79
N5 0YQ D . 4.18 -13.47 -13.39
C6 0YQ D . 4.76 -14.23 -12.39
C1 0YQ D . 4.67 -13.78 -11.09
C4 0YQ D . 3.54 -12.27 -13.08
O8 0YQ D . 3.06 -11.60 -14.03
N3 0YQ D . 3.45 -11.83 -11.80
C2 0YQ D . 4.01 -12.58 -10.81
O7 0YQ D . 3.95 -12.17 -9.61
C1 GOL E . 21.01 -8.69 -40.17
O1 GOL E . 21.49 -10.04 -40.18
C2 GOL E . 21.22 -8.12 -41.58
O2 GOL E . 21.00 -9.13 -42.58
C3 GOL E . 20.24 -6.99 -41.79
O3 GOL E . 20.84 -5.76 -41.41
CL CL F . 10.05 7.47 0.32
CA CA G . 13.27 14.35 23.98
#